data_6B53
#
_entry.id   6B53
#
_cell.length_a   44.094
_cell.length_b   139.510
_cell.length_c   45.193
_cell.angle_alpha   90.00
_cell.angle_beta   108.81
_cell.angle_gamma   90.00
#
_symmetry.space_group_name_H-M   'P 1 21 1'
#
loop_
_entity.id
_entity.type
_entity.pdbx_description
1 polymer Sulfotransferase
2 non-polymer "ADENOSINE-3'-5'-DIPHOSPHATE"
3 non-polymer 2-AMINO-2-HYDROXYMETHYL-PROPANE-1,3-DIOL
4 water water
#
_entity_poly.entity_id   1
_entity_poly.type   'polypeptide(L)'
_entity_poly.pdbx_seq_one_letter_code
;GAMSTTSTTIQVIGAGLPRTGTNSMKKALEIIYSKPCYHMYEIIFKKQSDISIWQQLIDETHKTTSDKRKIYNGLNELLN
GYIATTDLPSCSFYKELMTMYPNAKVLLTIRDKYDWLYSLRKVVLPKSTDPWKLKIEEGDQVLGIDSNFYKMTEDSLKFA
FQKNHINLDDDEILLECYDEYNRLVQEIVPPERLLIHHLGDGWESLCQFLNVDIPNGISYPCANSHHQMTQLTEQLIKHK
SLDDIIHMFPGLI
;
_entity_poly.pdbx_strand_id   A,B
#
loop_
_chem_comp.id
_chem_comp.type
_chem_comp.name
_chem_comp.formula
A3P RNA linking ADENOSINE-3'-5'-DIPHOSPHATE 'C10 H15 N5 O10 P2'
TRS non-polymer 2-AMINO-2-HYDROXYMETHYL-PROPANE-1,3-DIOL 'C4 H12 N O3 1'
#
# COMPACT_ATOMS: atom_id res chain seq x y z
N THR A 8 -4.76 17.24 1.89
CA THR A 8 -4.17 16.48 0.81
C THR A 8 -4.70 16.95 -0.55
N THR A 9 -3.80 17.45 -1.39
CA THR A 9 -4.16 17.91 -2.75
C THR A 9 -3.13 17.36 -3.72
N ILE A 10 -3.38 17.54 -5.01
CA ILE A 10 -2.47 17.04 -6.04
C ILE A 10 -1.12 17.74 -6.01
N GLN A 11 -0.07 16.94 -5.87
CA GLN A 11 1.31 17.44 -5.81
C GLN A 11 2.06 17.12 -7.10
N VAL A 12 1.66 16.04 -7.76
CA VAL A 12 2.33 15.56 -8.95
C VAL A 12 1.33 15.12 -10.00
N ILE A 13 1.49 15.63 -11.22
CA ILE A 13 0.63 15.31 -12.35
C ILE A 13 1.40 14.43 -13.33
N GLY A 14 0.93 13.20 -13.52
CA GLY A 14 1.55 12.27 -14.45
C GLY A 14 1.03 12.52 -15.86
N ALA A 15 1.92 12.96 -16.74
CA ALA A 15 1.58 13.25 -18.13
C ALA A 15 1.90 12.07 -19.03
N GLY A 16 2.62 11.07 -18.51
CA GLY A 16 3.04 9.96 -19.34
C GLY A 16 1.89 9.08 -19.82
N LEU A 17 2.06 8.51 -21.02
CA LEU A 17 1.04 7.66 -21.63
C LEU A 17 0.99 6.25 -21.05
N PRO A 18 -0.10 5.50 -21.32
CA PRO A 18 -0.10 4.11 -20.85
C PRO A 18 1.08 3.31 -21.40
N ARG A 19 1.53 2.36 -20.58
CA ARG A 19 2.63 1.45 -20.90
C ARG A 19 3.98 2.17 -20.93
N THR A 20 4.11 3.23 -20.15
CA THR A 20 5.39 3.92 -20.00
C THR A 20 5.89 3.86 -18.56
N GLY A 21 5.39 2.90 -17.80
CA GLY A 21 5.81 2.73 -16.42
C GLY A 21 4.99 3.57 -15.46
N THR A 22 3.74 3.84 -15.81
CA THR A 22 2.88 4.65 -14.93
C THR A 22 2.47 3.94 -13.64
N ASN A 23 2.29 2.62 -13.68
CA ASN A 23 1.95 1.91 -12.44
C ASN A 23 3.11 1.95 -11.47
N SER A 24 4.33 1.79 -11.98
CA SER A 24 5.51 1.82 -11.12
C SER A 24 5.68 3.23 -10.55
N MET A 25 5.33 4.24 -11.34
CA MET A 25 5.44 5.62 -10.88
C MET A 25 4.38 5.91 -9.81
N LYS A 26 3.17 5.38 -10.03
CA LYS A 26 2.10 5.43 -9.03
C LYS A 26 2.61 4.87 -7.70
N LYS A 27 3.22 3.70 -7.75
CA LYS A 27 3.71 3.07 -6.53
C LYS A 27 4.89 3.84 -5.91
N ALA A 28 5.74 4.39 -6.77
CA ALA A 28 6.87 5.19 -6.32
C ALA A 28 6.42 6.43 -5.55
N LEU A 29 5.42 7.11 -6.09
CA LEU A 29 4.90 8.30 -5.45
C LEU A 29 4.20 7.97 -4.13
N GLU A 30 3.55 6.81 -4.08
CA GLU A 30 2.87 6.37 -2.86
C GLU A 30 3.89 6.06 -1.77
N ILE A 31 5.03 5.51 -2.16
CA ILE A 31 6.14 5.32 -1.24
C ILE A 31 6.68 6.66 -0.74
N ILE A 32 6.92 7.59 -1.65
CA ILE A 32 7.50 8.88 -1.29
C ILE A 32 6.59 9.70 -0.36
N TYR A 33 5.30 9.75 -0.70
CA TYR A 33 4.37 10.63 0.00
C TYR A 33 3.57 9.97 1.11
N SER A 34 3.56 8.64 1.14
CA SER A 34 2.71 7.86 2.05
C SER A 34 1.24 8.22 1.90
N LYS A 35 0.85 8.60 0.68
CA LYS A 35 -0.53 8.93 0.37
C LYS A 35 -0.87 8.34 -1.01
N PRO A 36 -2.16 8.11 -1.29
CA PRO A 36 -2.53 7.39 -2.52
C PRO A 36 -2.35 8.20 -3.80
N CYS A 37 -2.03 7.46 -4.86
CA CYS A 37 -1.91 8.04 -6.18
C CYS A 37 -2.97 7.39 -7.09
N TYR A 38 -3.67 8.22 -7.87
CA TYR A 38 -4.68 7.71 -8.78
C TYR A 38 -3.99 7.06 -9.97
N HIS A 39 -4.66 6.09 -10.57
CA HIS A 39 -4.14 5.37 -11.71
C HIS A 39 -5.30 4.66 -12.40
N MET A 40 -5.10 4.24 -13.65
N MET A 40 -5.09 4.21 -13.63
CA MET A 40 -6.08 3.40 -14.34
CA MET A 40 -6.08 3.41 -14.34
C MET A 40 -6.53 2.21 -13.50
C MET A 40 -6.53 2.20 -13.53
N TYR A 41 -5.60 1.63 -12.74
CA TYR A 41 -5.91 0.43 -12.00
C TYR A 41 -6.77 0.74 -10.75
N GLU A 42 -6.81 2.01 -10.32
CA GLU A 42 -7.75 2.42 -9.28
C GLU A 42 -9.18 2.23 -9.80
N ILE A 43 -9.38 2.58 -11.07
CA ILE A 43 -10.68 2.44 -11.70
C ILE A 43 -11.06 0.97 -11.82
N ILE A 44 -10.13 0.17 -12.32
CA ILE A 44 -10.41 -1.22 -12.60
C ILE A 44 -10.66 -2.02 -11.34
N PHE A 45 -9.78 -1.88 -10.36
CA PHE A 45 -9.79 -2.79 -9.23
C PHE A 45 -10.47 -2.23 -7.98
N LYS A 46 -10.81 -0.95 -7.99
CA LYS A 46 -11.40 -0.31 -6.81
C LYS A 46 -12.65 0.52 -7.09
N LYS A 47 -12.66 1.25 -8.20
CA LYS A 47 -13.68 2.29 -8.41
C LYS A 47 -14.26 2.30 -9.83
N GLN A 48 -14.92 1.23 -10.24
CA GLN A 48 -15.42 1.17 -11.62
C GLN A 48 -16.52 2.18 -11.90
N SER A 49 -17.15 2.68 -10.84
CA SER A 49 -18.13 3.76 -11.00
C SER A 49 -17.47 5.04 -11.54
N ASP A 50 -16.15 5.14 -11.49
CA ASP A 50 -15.47 6.31 -12.06
C ASP A 50 -15.51 6.32 -13.59
N ILE A 51 -15.77 5.17 -14.21
CA ILE A 51 -15.70 5.08 -15.66
C ILE A 51 -16.67 6.05 -16.31
N SER A 52 -17.92 6.03 -15.84
CA SER A 52 -18.94 6.88 -16.45
C SER A 52 -18.64 8.35 -16.21
N ILE A 53 -18.02 8.66 -15.06
CA ILE A 53 -17.65 10.04 -14.76
C ILE A 53 -16.59 10.53 -15.74
N TRP A 54 -15.52 9.75 -15.91
CA TRP A 54 -14.48 10.11 -16.86
C TRP A 54 -15.04 10.24 -18.27
N GLN A 55 -15.96 9.35 -18.64
CA GLN A 55 -16.55 9.37 -19.97
C GLN A 55 -17.29 10.70 -20.18
N GLN A 56 -18.01 11.15 -19.15
CA GLN A 56 -18.71 12.43 -19.22
C GLN A 56 -17.75 13.59 -19.41
N LEU A 57 -16.62 13.55 -18.71
CA LEU A 57 -15.63 14.63 -18.83
C LEU A 57 -14.98 14.65 -20.21
N ILE A 58 -14.66 13.47 -20.74
CA ILE A 58 -14.08 13.36 -22.08
C ILE A 58 -15.09 13.79 -23.15
N ASP A 59 -16.35 13.36 -22.99
CA ASP A 59 -17.43 13.80 -23.88
C ASP A 59 -17.56 15.31 -23.91
N GLU A 60 -17.36 15.93 -22.74
CA GLU A 60 -17.48 17.37 -22.62
C GLU A 60 -16.49 18.09 -23.51
N THR A 61 -15.30 17.52 -23.68
CA THR A 61 -14.26 18.19 -24.43
C THR A 61 -14.60 18.23 -25.93
N HIS A 62 -15.59 17.46 -26.35
CA HIS A 62 -15.99 17.41 -27.75
C HIS A 62 -17.04 18.45 -28.14
N LYS A 63 -17.60 19.14 -27.15
CA LYS A 63 -18.59 20.16 -27.43
C LYS A 63 -17.95 21.37 -28.09
N THR A 64 -18.71 22.09 -28.92
CA THR A 64 -18.18 23.26 -29.59
C THR A 64 -17.71 24.28 -28.55
N THR A 65 -18.46 24.41 -27.45
CA THR A 65 -17.96 25.10 -26.27
C THR A 65 -18.01 24.17 -25.05
N SER A 66 -16.85 23.66 -24.65
CA SER A 66 -16.78 22.80 -23.48
C SER A 66 -16.94 23.62 -22.21
N ASP A 67 -17.61 23.02 -21.23
CA ASP A 67 -17.78 23.66 -19.93
C ASP A 67 -16.53 23.36 -19.09
N LYS A 68 -15.56 24.28 -19.07
CA LYS A 68 -14.29 24.03 -18.41
C LYS A 68 -14.49 23.92 -16.91
N ARG A 69 -15.46 24.65 -16.38
CA ARG A 69 -15.71 24.62 -14.94
C ARG A 69 -16.27 23.26 -14.51
N LYS A 70 -17.15 22.69 -15.34
CA LYS A 70 -17.63 21.32 -15.11
C LYS A 70 -16.48 20.32 -15.09
N ILE A 71 -15.58 20.48 -16.05
CA ILE A 71 -14.39 19.62 -16.12
C ILE A 71 -13.50 19.81 -14.90
N TYR A 72 -13.22 21.05 -14.49
CA TYR A 72 -12.36 21.28 -13.32
C TYR A 72 -12.97 20.66 -12.08
N ASN A 73 -14.27 20.87 -11.90
CA ASN A 73 -14.96 20.35 -10.74
CA ASN A 73 -14.99 20.33 -10.76
C ASN A 73 -15.01 18.82 -10.77
N GLY A 74 -15.19 18.23 -11.95
CA GLY A 74 -15.22 16.79 -12.09
C GLY A 74 -13.88 16.17 -11.75
N LEU A 75 -12.82 16.76 -12.29
CA LEU A 75 -11.45 16.31 -12.00
C LEU A 75 -11.14 16.41 -10.49
N ASN A 76 -11.56 17.51 -9.88
CA ASN A 76 -11.32 17.70 -8.46
C ASN A 76 -12.03 16.65 -7.61
N GLU A 77 -13.26 16.30 -7.99
CA GLU A 77 -14.00 15.30 -7.21
C GLU A 77 -13.38 13.90 -7.40
N LEU A 78 -13.02 13.59 -8.64
CA LEU A 78 -12.39 12.30 -8.94
C LEU A 78 -11.09 12.10 -8.17
N LEU A 79 -10.31 13.17 -8.03
CA LEU A 79 -8.97 13.06 -7.45
C LEU A 79 -8.95 13.43 -5.96
N ASN A 80 -10.11 13.61 -5.36
CA ASN A 80 -10.17 13.89 -3.92
C ASN A 80 -9.53 12.78 -3.12
N GLY A 81 -8.59 13.14 -2.26
CA GLY A 81 -7.93 12.16 -1.44
C GLY A 81 -6.62 11.66 -2.02
N TYR A 82 -6.34 12.02 -3.26
CA TYR A 82 -5.10 11.61 -3.92
C TYR A 82 -4.02 12.68 -3.96
N ILE A 83 -2.76 12.24 -3.88
CA ILE A 83 -1.61 13.13 -3.86
C ILE A 83 -1.04 13.31 -5.27
N ALA A 84 -1.43 12.40 -6.15
CA ALA A 84 -0.93 12.40 -7.52
C ALA A 84 -1.85 11.57 -8.39
N THR A 85 -1.61 11.62 -9.69
CA THR A 85 -2.36 10.77 -10.61
C THR A 85 -1.44 10.41 -11.76
N THR A 86 -1.61 9.21 -12.31
CA THR A 86 -0.82 8.76 -13.45
C THR A 86 -1.68 7.90 -14.39
N ASP A 87 -1.18 7.68 -15.60
CA ASP A 87 -1.83 6.86 -16.66
C ASP A 87 -3.09 7.52 -17.22
N LEU A 88 -3.65 6.90 -18.27
CA LEU A 88 -4.99 7.25 -18.74
C LEU A 88 -6.00 6.88 -17.65
N PRO A 89 -7.14 7.58 -17.59
CA PRO A 89 -7.53 8.71 -18.45
C PRO A 89 -6.98 10.06 -17.98
N SER A 90 -6.38 10.12 -16.79
CA SER A 90 -6.04 11.41 -16.24
C SER A 90 -4.89 12.11 -16.97
N CYS A 91 -3.98 11.35 -17.58
CA CYS A 91 -2.83 11.98 -18.22
C CYS A 91 -3.29 12.86 -19.37
N SER A 92 -4.39 12.48 -20.02
CA SER A 92 -4.92 13.25 -21.14
C SER A 92 -5.38 14.64 -20.69
N PHE A 93 -5.67 14.79 -19.40
CA PHE A 93 -6.09 16.07 -18.85
C PHE A 93 -4.98 16.85 -18.16
N TYR A 94 -3.72 16.60 -18.54
CA TYR A 94 -2.63 17.22 -17.81
C TYR A 94 -2.65 18.75 -17.87
N LYS A 95 -3.12 19.34 -18.97
CA LYS A 95 -3.18 20.80 -19.07
C LYS A 95 -4.23 21.39 -18.14
N GLU A 96 -5.38 20.73 -18.03
CA GLU A 96 -6.41 21.17 -17.11
C GLU A 96 -5.92 21.05 -15.66
N LEU A 97 -5.28 19.93 -15.35
CA LEU A 97 -4.75 19.69 -14.01
C LEU A 97 -3.67 20.72 -13.65
N MET A 98 -2.87 21.14 -14.63
CA MET A 98 -1.88 22.18 -14.38
C MET A 98 -2.52 23.50 -13.99
N THR A 99 -3.66 23.80 -14.59
CA THR A 99 -4.38 25.03 -14.31
C THR A 99 -4.99 24.99 -12.92
N MET A 100 -5.56 23.85 -12.56
CA MET A 100 -6.20 23.63 -11.25
C MET A 100 -5.19 23.64 -10.12
N TYR A 101 -4.02 23.09 -10.39
CA TYR A 101 -2.97 22.90 -9.39
C TYR A 101 -1.68 23.56 -9.87
N PRO A 102 -1.62 24.90 -9.79
CA PRO A 102 -0.50 25.64 -10.39
C PRO A 102 0.86 25.30 -9.76
N ASN A 103 0.86 24.70 -8.59
CA ASN A 103 2.11 24.38 -7.89
C ASN A 103 2.45 22.91 -7.96
N ALA A 104 1.60 22.14 -8.64
CA ALA A 104 1.89 20.73 -8.85
C ALA A 104 2.94 20.55 -9.94
N LYS A 105 3.90 19.67 -9.69
CA LYS A 105 4.90 19.33 -10.68
C LYS A 105 4.34 18.32 -11.68
N VAL A 106 4.97 18.24 -12.85
CA VAL A 106 4.50 17.35 -13.89
C VAL A 106 5.56 16.29 -14.18
N LEU A 107 5.13 15.03 -14.24
CA LEU A 107 6.04 13.95 -14.57
C LEU A 107 5.70 13.42 -15.94
N LEU A 108 6.69 13.33 -16.80
CA LEU A 108 6.50 12.69 -18.08
C LEU A 108 7.29 11.39 -18.12
N THR A 109 6.60 10.27 -17.94
CA THR A 109 7.24 8.97 -18.11
C THR A 109 7.28 8.63 -19.60
N ILE A 110 8.42 8.13 -20.04
CA ILE A 110 8.68 7.96 -21.46
C ILE A 110 9.56 6.75 -21.67
N ARG A 111 9.57 6.25 -22.91
CA ARG A 111 10.36 5.07 -23.27
C ARG A 111 10.49 5.00 -24.79
N ASP A 112 11.33 4.09 -25.27
CA ASP A 112 11.45 3.78 -26.69
C ASP A 112 10.08 3.57 -27.34
N LYS A 113 9.82 4.25 -28.46
CA LYS A 113 8.45 4.25 -29.01
C LYS A 113 8.01 2.88 -29.55
N TYR A 114 8.96 2.07 -30.00
CA TYR A 114 8.64 0.75 -30.53
C TYR A 114 8.32 -0.24 -29.40
N ASP A 115 9.09 -0.16 -28.31
CA ASP A 115 8.78 -0.95 -27.12
C ASP A 115 7.39 -0.56 -26.59
N TRP A 116 7.13 0.74 -26.59
CA TRP A 116 5.83 1.27 -26.14
C TRP A 116 4.67 0.76 -26.98
N LEU A 117 4.78 0.88 -28.31
CA LEU A 117 3.71 0.38 -29.17
C LEU A 117 3.47 -1.12 -29.00
N TYR A 118 4.55 -1.88 -28.88
CA TYR A 118 4.42 -3.32 -28.68
C TYR A 118 3.65 -3.62 -27.40
N SER A 119 4.01 -2.93 -26.32
CA SER A 119 3.37 -3.12 -25.03
C SER A 119 1.89 -2.72 -25.12
N LEU A 120 1.65 -1.61 -25.78
CA LEU A 120 0.28 -1.11 -25.95
C LEU A 120 -0.60 -2.13 -26.69
N ARG A 121 -0.08 -2.72 -27.76
CA ARG A 121 -0.85 -3.73 -28.49
C ARG A 121 -1.11 -5.00 -27.69
N LYS A 122 -0.20 -5.35 -26.79
CA LYS A 122 -0.35 -6.56 -25.99
C LYS A 122 -1.39 -6.42 -24.87
N VAL A 123 -1.56 -5.19 -24.38
CA VAL A 123 -2.32 -4.97 -23.15
C VAL A 123 -3.54 -4.05 -23.30
N VAL A 124 -3.36 -2.91 -23.96
CA VAL A 124 -4.37 -1.84 -23.89
C VAL A 124 -5.18 -1.69 -25.17
N LEU A 125 -4.47 -1.74 -26.29
CA LEU A 125 -5.06 -1.45 -27.58
C LEU A 125 -4.71 -2.47 -28.65
N PRO A 126 -5.19 -3.71 -28.53
CA PRO A 126 -4.91 -4.69 -29.59
C PRO A 126 -5.59 -4.26 -30.89
N LYS A 127 -5.08 -4.71 -32.03
CA LYS A 127 -5.75 -4.41 -33.29
C LYS A 127 -7.07 -5.15 -33.32
N SER A 128 -8.03 -4.62 -34.07
CA SER A 128 -9.40 -5.11 -34.04
C SER A 128 -9.54 -6.57 -34.42
N THR A 129 -8.61 -7.08 -35.22
CA THR A 129 -8.67 -8.48 -35.63
C THR A 129 -7.52 -9.31 -35.07
N ASP A 130 -6.96 -8.85 -33.97
CA ASP A 130 -6.01 -9.66 -33.20
C ASP A 130 -6.79 -10.66 -32.36
N PRO A 131 -6.55 -11.96 -32.57
CA PRO A 131 -7.23 -12.99 -31.76
C PRO A 131 -7.04 -12.78 -30.25
N TRP A 132 -5.94 -12.13 -29.87
CA TRP A 132 -5.67 -11.89 -28.46
C TRP A 132 -6.66 -10.89 -27.87
N LYS A 133 -7.24 -10.06 -28.72
CA LYS A 133 -8.21 -9.07 -28.25
C LYS A 133 -9.38 -9.75 -27.56
N LEU A 134 -9.85 -10.86 -28.14
CA LEU A 134 -10.96 -11.62 -27.57
C LEU A 134 -10.59 -12.24 -26.23
N LYS A 135 -9.32 -12.61 -26.09
CA LYS A 135 -8.84 -13.18 -24.83
C LYS A 135 -8.79 -12.12 -23.74
N ILE A 136 -8.27 -10.94 -24.08
CA ILE A 136 -8.28 -9.84 -23.12
C ILE A 136 -9.70 -9.59 -22.64
N GLU A 137 -10.65 -9.54 -23.57
CA GLU A 137 -12.03 -9.24 -23.21
C GLU A 137 -12.64 -10.31 -22.31
N GLU A 138 -12.31 -11.57 -22.60
CA GLU A 138 -12.84 -12.68 -21.80
C GLU A 138 -12.32 -12.61 -20.37
N GLY A 139 -11.02 -12.34 -20.22
CA GLY A 139 -10.43 -12.16 -18.91
C GLY A 139 -11.02 -10.98 -18.17
N ASP A 140 -11.21 -9.87 -18.90
CA ASP A 140 -11.74 -8.66 -18.27
C ASP A 140 -13.17 -8.84 -17.79
N GLN A 141 -13.91 -9.73 -18.44
CA GLN A 141 -15.28 -10.03 -18.03
C GLN A 141 -15.31 -10.49 -16.57
N VAL A 142 -14.29 -11.23 -16.20
CA VAL A 142 -14.15 -11.76 -14.84
C VAL A 142 -14.06 -10.62 -13.85
N LEU A 143 -13.44 -9.51 -14.29
CA LEU A 143 -13.28 -8.34 -13.45
C LEU A 143 -14.46 -7.37 -13.53
N GLY A 144 -15.42 -7.66 -14.40
CA GLY A 144 -16.56 -6.77 -14.58
C GLY A 144 -16.29 -5.65 -15.56
N ILE A 145 -15.21 -5.80 -16.34
CA ILE A 145 -14.79 -4.78 -17.29
C ILE A 145 -15.32 -5.07 -18.70
N ASP A 146 -16.00 -4.11 -19.32
CA ASP A 146 -16.59 -4.32 -20.63
C ASP A 146 -16.40 -3.13 -21.57
N SER A 147 -17.23 -3.05 -22.60
CA SER A 147 -17.09 -2.04 -23.63
C SER A 147 -17.13 -0.60 -23.08
N ASN A 148 -17.81 -0.40 -21.95
CA ASN A 148 -17.80 0.91 -21.30
C ASN A 148 -16.38 1.35 -20.97
N PHE A 149 -15.60 0.44 -20.39
CA PHE A 149 -14.22 0.76 -20.04
C PHE A 149 -13.34 1.01 -21.26
N TYR A 150 -13.51 0.17 -22.28
CA TYR A 150 -12.71 0.27 -23.49
C TYR A 150 -13.00 1.56 -24.24
N LYS A 151 -14.26 1.99 -24.25
CA LYS A 151 -14.63 3.24 -24.90
C LYS A 151 -14.00 4.42 -24.16
N MET A 152 -14.03 4.38 -22.82
CA MET A 152 -13.40 5.45 -22.06
C MET A 152 -11.92 5.53 -22.34
N THR A 153 -11.26 4.37 -22.31
CA THR A 153 -9.84 4.27 -22.56
C THR A 153 -9.47 4.83 -23.92
N GLU A 154 -10.19 4.36 -24.92
N GLU A 154 -10.18 4.39 -24.94
CA GLU A 154 -9.98 4.75 -26.31
CA GLU A 154 -9.86 4.82 -26.30
C GLU A 154 -10.21 6.25 -26.53
C GLU A 154 -10.19 6.30 -26.53
N ASP A 155 -11.29 6.77 -25.97
CA ASP A 155 -11.64 8.18 -26.12
C ASP A 155 -10.61 9.07 -25.41
N SER A 156 -10.12 8.62 -24.25
CA SER A 156 -9.16 9.43 -23.52
C SER A 156 -7.82 9.43 -24.27
N LEU A 157 -7.53 8.35 -24.97
CA LEU A 157 -6.31 8.28 -25.77
C LEU A 157 -6.44 9.21 -26.99
N LYS A 158 -7.60 9.20 -27.62
CA LYS A 158 -7.86 10.10 -28.74
C LYS A 158 -7.80 11.56 -28.31
N PHE A 159 -8.26 11.83 -27.08
CA PHE A 159 -8.20 13.17 -26.52
C PHE A 159 -6.76 13.62 -26.30
N ALA A 160 -5.94 12.73 -25.74
CA ALA A 160 -4.52 12.98 -25.56
C ALA A 160 -3.88 13.34 -26.91
N PHE A 161 -4.24 12.57 -27.92
CA PHE A 161 -3.66 12.74 -29.25
C PHE A 161 -4.34 13.85 -30.05
N GLN A 162 -5.37 14.46 -29.46
CA GLN A 162 -6.08 15.58 -30.09
C GLN A 162 -6.59 15.24 -31.48
N LYS A 163 -7.19 14.05 -31.58
CA LYS A 163 -7.80 13.57 -32.80
C LYS A 163 -9.26 13.24 -32.53
N ASN A 164 -10.12 13.53 -33.50
CA ASN A 164 -11.49 13.06 -33.45
C ASN A 164 -11.65 11.78 -34.27
N HIS A 165 -10.99 11.76 -35.42
CA HIS A 165 -10.89 10.57 -36.25
C HIS A 165 -9.48 10.05 -36.22
N ILE A 166 -9.32 8.78 -35.86
CA ILE A 166 -8.02 8.15 -35.89
C ILE A 166 -8.20 6.66 -36.17
N ASN A 167 -7.33 6.11 -37.01
CA ASN A 167 -7.35 4.68 -37.25
C ASN A 167 -6.47 4.02 -36.20
N LEU A 168 -7.10 3.54 -35.14
CA LEU A 168 -6.37 2.94 -34.03
C LEU A 168 -5.65 1.64 -34.44
N ASP A 169 -5.99 1.08 -35.60
CA ASP A 169 -5.31 -0.11 -36.07
C ASP A 169 -4.04 0.24 -36.86
N ASP A 170 -3.76 1.52 -37.00
CA ASP A 170 -2.60 1.99 -37.77
C ASP A 170 -1.40 2.23 -36.85
N ASP A 171 -0.45 1.30 -36.88
CA ASP A 171 0.75 1.40 -36.06
C ASP A 171 1.55 2.67 -36.30
N GLU A 172 1.65 3.10 -37.54
CA GLU A 172 2.46 4.26 -37.87
C GLU A 172 1.86 5.55 -37.31
N ILE A 173 0.53 5.63 -37.31
CA ILE A 173 -0.16 6.79 -36.74
C ILE A 173 0.07 6.85 -35.23
N LEU A 174 -0.04 5.70 -34.59
CA LEU A 174 0.15 5.65 -33.14
C LEU A 174 1.57 6.06 -32.77
N LEU A 175 2.56 5.58 -33.52
CA LEU A 175 3.93 5.99 -33.24
C LEU A 175 4.13 7.51 -33.38
N GLU A 176 3.56 8.11 -34.42
CA GLU A 176 3.76 9.53 -34.60
C GLU A 176 2.98 10.34 -33.58
N CYS A 177 1.82 9.84 -33.19
CA CYS A 177 1.04 10.52 -32.15
C CYS A 177 1.77 10.50 -30.81
N TYR A 178 2.42 9.37 -30.53
CA TYR A 178 3.22 9.20 -29.32
C TYR A 178 4.35 10.23 -29.26
N ASP A 179 5.14 10.33 -30.33
CA ASP A 179 6.22 11.30 -30.36
C ASP A 179 5.69 12.73 -30.26
N GLU A 180 4.60 13.02 -30.97
CA GLU A 180 4.04 14.36 -30.94
C GLU A 180 3.49 14.73 -29.55
N TYR A 181 2.87 13.75 -28.89
CA TYR A 181 2.36 13.96 -27.54
C TYR A 181 3.47 14.31 -26.57
N ASN A 182 4.52 13.49 -26.59
CA ASN A 182 5.67 13.72 -25.71
C ASN A 182 6.38 15.04 -26.01
N ARG A 183 6.50 15.37 -27.29
CA ARG A 183 7.09 16.65 -27.69
C ARG A 183 6.27 17.82 -27.16
N LEU A 184 4.94 17.73 -27.31
CA LEU A 184 4.03 18.76 -26.85
C LEU A 184 4.10 18.98 -25.35
N VAL A 185 4.22 17.89 -24.59
CA VAL A 185 4.30 18.04 -23.14
C VAL A 185 5.55 18.87 -22.79
N GLN A 186 6.68 18.52 -23.39
CA GLN A 186 7.94 19.23 -23.14
C GLN A 186 7.89 20.69 -23.61
N GLU A 187 7.03 20.98 -24.58
CA GLU A 187 6.90 22.35 -25.07
C GLU A 187 6.07 23.21 -24.12
N ILE A 188 4.91 22.72 -23.75
CA ILE A 188 3.98 23.49 -22.93
C ILE A 188 4.27 23.61 -21.42
N VAL A 189 4.89 22.60 -20.84
CA VAL A 189 5.19 22.64 -19.43
C VAL A 189 6.53 23.33 -19.22
N PRO A 190 6.55 24.36 -18.40
CA PRO A 190 7.80 25.07 -18.12
C PRO A 190 8.82 24.09 -17.59
N PRO A 191 10.04 24.16 -18.11
CA PRO A 191 11.13 23.24 -17.71
C PRO A 191 11.30 22.98 -16.22
N GLU A 192 11.18 24.01 -15.38
CA GLU A 192 11.34 23.83 -13.94
C GLU A 192 10.26 22.96 -13.26
N ARG A 193 9.07 22.83 -13.84
CA ARG A 193 8.08 21.98 -13.18
C ARG A 193 7.86 20.69 -13.97
N LEU A 194 8.79 20.39 -14.87
CA LEU A 194 8.73 19.13 -15.62
C LEU A 194 9.93 18.25 -15.32
N LEU A 195 9.65 16.97 -15.09
CA LEU A 195 10.68 15.94 -15.06
C LEU A 195 10.36 14.90 -16.11
N ILE A 196 11.29 14.67 -17.04
CA ILE A 196 11.15 13.57 -17.98
C ILE A 196 11.84 12.35 -17.39
N HIS A 197 11.05 11.31 -17.13
CA HIS A 197 11.55 10.13 -16.45
C HIS A 197 11.54 8.93 -17.40
N HIS A 198 12.73 8.46 -17.74
CA HIS A 198 12.89 7.36 -18.70
C HIS A 198 12.81 6.02 -18.01
N LEU A 199 12.18 5.06 -18.68
CA LEU A 199 12.01 3.72 -18.14
C LEU A 199 13.36 3.17 -17.68
N GLY A 200 13.51 3.00 -16.36
CA GLY A 200 14.74 2.48 -15.79
C GLY A 200 15.57 3.51 -15.04
N ASP A 201 15.11 4.76 -15.01
CA ASP A 201 15.85 5.83 -14.34
C ASP A 201 15.87 5.70 -12.82
N GLY A 202 14.88 5.01 -12.26
CA GLY A 202 14.88 4.73 -10.83
C GLY A 202 14.64 5.92 -9.91
N TRP A 203 15.09 5.79 -8.66
CA TRP A 203 14.79 6.78 -7.62
C TRP A 203 15.49 8.13 -7.77
N GLU A 204 16.71 8.13 -8.29
CA GLU A 204 17.59 9.30 -8.12
C GLU A 204 17.04 10.61 -8.72
N SER A 205 16.65 10.58 -9.99
CA SER A 205 16.15 11.80 -10.64
C SER A 205 14.79 12.22 -10.07
N LEU A 206 13.94 11.24 -9.75
CA LEU A 206 12.63 11.52 -9.17
C LEU A 206 12.75 12.20 -7.81
N CYS A 207 13.58 11.64 -6.95
CA CYS A 207 13.70 12.16 -5.59
C CYS A 207 14.34 13.55 -5.58
N GLN A 208 15.31 13.76 -6.46
CA GLN A 208 15.94 15.06 -6.62
C GLN A 208 14.92 16.12 -7.04
N PHE A 209 14.06 15.74 -7.98
CA PHE A 209 13.04 16.62 -8.54
C PHE A 209 12.01 17.01 -7.47
N LEU A 210 11.63 16.05 -6.64
CA LEU A 210 10.62 16.28 -5.61
C LEU A 210 11.22 16.71 -4.27
N ASN A 211 12.52 16.96 -4.24
CA ASN A 211 13.20 17.42 -3.02
C ASN A 211 13.04 16.44 -1.85
N VAL A 212 13.23 15.15 -2.12
CA VAL A 212 13.22 14.12 -1.07
C VAL A 212 14.41 13.18 -1.18
N ASP A 213 14.73 12.52 -0.07
CA ASP A 213 15.78 11.50 -0.03
C ASP A 213 15.36 10.24 -0.76
N ILE A 214 16.34 9.49 -1.26
CA ILE A 214 16.05 8.18 -1.84
C ILE A 214 15.65 7.23 -0.73
N PRO A 215 14.47 6.59 -0.87
CA PRO A 215 13.96 5.66 0.14
C PRO A 215 14.96 4.55 0.48
N ASN A 216 15.39 4.50 1.74
CA ASN A 216 16.38 3.53 2.19
C ASN A 216 15.86 2.10 2.19
N GLY A 217 16.54 1.23 1.45
CA GLY A 217 16.22 -0.19 1.47
C GLY A 217 14.95 -0.58 0.76
N ILE A 218 14.42 0.35 -0.05
CA ILE A 218 13.23 0.09 -0.84
C ILE A 218 13.57 0.24 -2.31
N SER A 219 13.32 -0.82 -3.08
CA SER A 219 13.67 -0.80 -4.49
C SER A 219 12.62 -0.03 -5.30
N TYR A 220 13.02 0.47 -6.46
CA TYR A 220 12.06 1.15 -7.32
C TYR A 220 11.09 0.11 -7.90
N PRO A 221 9.78 0.41 -7.89
CA PRO A 221 8.78 -0.56 -8.36
C PRO A 221 8.98 -0.99 -9.81
N CYS A 222 8.72 -2.26 -10.08
N CYS A 222 8.67 -2.24 -10.13
CA CYS A 222 8.93 -2.82 -11.39
CA CYS A 222 8.96 -2.78 -11.46
C CYS A 222 7.93 -3.94 -11.65
C CYS A 222 7.95 -3.78 -12.03
N ALA A 223 6.66 -3.59 -11.75
CA ALA A 223 5.65 -4.55 -12.20
C ALA A 223 4.81 -3.97 -13.34
N ASN A 224 3.74 -4.71 -13.68
CA ASN A 224 2.84 -4.39 -14.81
C ASN A 224 3.48 -4.62 -16.18
N SER A 225 4.37 -5.60 -16.28
CA SER A 225 4.97 -5.95 -17.58
C SER A 225 3.94 -6.63 -18.48
N HIS A 226 4.12 -6.60 -19.79
CA HIS A 226 3.09 -7.24 -20.62
C HIS A 226 3.11 -8.76 -20.44
N HIS A 227 4.24 -9.32 -20.03
CA HIS A 227 4.32 -10.75 -19.71
C HIS A 227 3.38 -11.07 -18.54
N GLN A 228 3.42 -10.23 -17.53
CA GLN A 228 2.59 -10.44 -16.35
C GLN A 228 1.13 -10.25 -16.69
N MET A 229 0.83 -9.24 -17.52
N MET A 229 0.83 -9.26 -17.52
CA MET A 229 -0.54 -8.95 -17.91
CA MET A 229 -0.55 -8.97 -17.86
C MET A 229 -1.12 -10.10 -18.69
C MET A 229 -1.15 -10.07 -18.74
N THR A 230 -0.31 -10.72 -19.54
CA THR A 230 -0.75 -11.83 -20.35
C THR A 230 -1.07 -13.01 -19.44
N GLN A 231 -0.23 -13.24 -18.44
CA GLN A 231 -0.48 -14.28 -17.44
C GLN A 231 -1.75 -13.99 -16.66
N LEU A 232 -1.98 -12.73 -16.31
CA LEU A 232 -3.17 -12.37 -15.56
C LEU A 232 -4.44 -12.68 -16.36
N THR A 233 -4.45 -12.29 -17.63
CA THR A 233 -5.56 -12.61 -18.51
C THR A 233 -5.79 -14.13 -18.56
N GLU A 234 -4.73 -14.89 -18.79
CA GLU A 234 -4.82 -16.34 -18.87
C GLU A 234 -5.37 -16.96 -17.59
N GLN A 235 -4.97 -16.42 -16.44
CA GLN A 235 -5.40 -17.00 -15.18
C GLN A 235 -6.83 -16.59 -14.84
N LEU A 236 -7.24 -15.40 -15.29
CA LEU A 236 -8.62 -14.96 -15.10
C LEU A 236 -9.57 -15.85 -15.89
N ILE A 237 -9.17 -16.17 -17.10
CA ILE A 237 -9.95 -17.07 -17.95
C ILE A 237 -10.04 -18.46 -17.32
N LYS A 238 -8.91 -18.94 -16.81
CA LYS A 238 -8.83 -20.28 -16.25
C LYS A 238 -9.64 -20.45 -14.96
N HIS A 239 -9.60 -19.44 -14.08
CA HIS A 239 -10.18 -19.62 -12.75
C HIS A 239 -11.45 -18.78 -12.50
N LYS A 240 -11.71 -17.80 -13.34
CA LYS A 240 -12.94 -17.00 -13.29
C LYS A 240 -13.15 -16.35 -11.92
N SER A 241 -12.03 -15.98 -11.28
CA SER A 241 -12.04 -15.34 -9.96
C SER A 241 -10.71 -14.63 -9.72
N LEU A 242 -10.75 -13.32 -9.53
CA LEU A 242 -9.53 -12.57 -9.21
C LEU A 242 -9.00 -12.99 -7.85
N ASP A 243 -9.90 -13.13 -6.89
CA ASP A 243 -9.52 -13.54 -5.54
C ASP A 243 -8.69 -14.82 -5.51
N ASP A 244 -9.07 -15.78 -6.33
CA ASP A 244 -8.43 -17.10 -6.32
C ASP A 244 -7.03 -17.09 -6.92
N ILE A 245 -6.70 -16.05 -7.68
CA ILE A 245 -5.41 -15.99 -8.37
C ILE A 245 -4.53 -14.81 -7.97
N ILE A 246 -5.05 -13.92 -7.12
CA ILE A 246 -4.32 -12.68 -6.83
C ILE A 246 -2.99 -12.96 -6.12
N HIS A 247 -2.88 -14.11 -5.47
CA HIS A 247 -1.61 -14.49 -4.84
C HIS A 247 -0.50 -14.72 -5.87
N MET A 248 -0.88 -14.82 -7.14
CA MET A 248 0.10 -15.04 -8.22
C MET A 248 0.64 -13.73 -8.77
N PHE A 249 0.05 -12.61 -8.34
CA PHE A 249 0.37 -11.30 -8.88
C PHE A 249 0.59 -10.23 -7.80
N PRO A 250 1.61 -10.41 -6.97
CA PRO A 250 1.84 -9.39 -5.93
C PRO A 250 2.36 -8.07 -6.50
N GLY A 251 2.18 -7.00 -5.75
CA GLY A 251 2.68 -5.69 -6.14
C GLY A 251 2.10 -5.16 -7.43
N LEU A 252 0.85 -5.48 -7.71
CA LEU A 252 0.22 -5.05 -8.96
C LEU A 252 -0.97 -4.12 -8.73
N ILE A 253 -1.99 -4.61 -8.04
CA ILE A 253 -3.22 -3.84 -7.91
C ILE A 253 -3.19 -2.96 -6.68
N THR B 8 -13.07 -11.93 2.31
CA THR B 8 -11.90 -11.56 3.09
C THR B 8 -12.04 -11.99 4.57
N THR B 9 -11.22 -12.97 4.97
CA THR B 9 -11.12 -13.38 6.37
C THR B 9 -9.66 -13.49 6.77
N ILE B 10 -9.41 -13.66 8.07
CA ILE B 10 -8.04 -13.79 8.57
C ILE B 10 -7.36 -15.08 8.06
N GLN B 11 -6.23 -14.91 7.39
CA GLN B 11 -5.46 -16.04 6.85
C GLN B 11 -4.24 -16.35 7.70
N VAL B 12 -3.68 -15.32 8.31
CA VAL B 12 -2.45 -15.43 9.09
C VAL B 12 -2.57 -14.67 10.40
N ILE B 13 -2.19 -15.32 11.49
CA ILE B 13 -2.20 -14.75 12.84
C ILE B 13 -0.78 -14.53 13.31
N GLY B 14 -0.40 -13.28 13.53
CA GLY B 14 0.93 -12.98 13.99
C GLY B 14 0.93 -13.09 15.50
N ALA B 15 1.76 -13.98 16.04
CA ALA B 15 1.84 -14.15 17.49
C ALA B 15 3.08 -13.47 18.08
N GLY B 16 3.97 -12.96 17.24
CA GLY B 16 5.19 -12.33 17.70
C GLY B 16 4.96 -11.04 18.46
N LEU B 17 5.80 -10.80 19.47
CA LEU B 17 5.71 -9.62 20.32
C LEU B 17 6.20 -8.35 19.62
N PRO B 18 5.86 -7.18 20.18
CA PRO B 18 6.38 -5.95 19.57
C PRO B 18 7.91 -5.96 19.49
N ARG B 19 8.45 -5.28 18.47
CA ARG B 19 9.88 -5.14 18.23
C ARG B 19 10.53 -6.47 17.80
N THR B 20 9.74 -7.37 17.20
CA THR B 20 10.29 -8.60 16.61
C THR B 20 10.15 -8.61 15.09
N GLY B 21 9.87 -7.45 14.50
CA GLY B 21 9.76 -7.36 13.06
C GLY B 21 8.33 -7.47 12.56
N THR B 22 7.39 -7.07 13.39
CA THR B 22 5.98 -7.25 13.07
C THR B 22 5.48 -6.28 12.00
N ASN B 23 6.05 -5.09 11.96
CA ASN B 23 5.64 -4.15 10.92
C ASN B 23 6.10 -4.62 9.54
N SER B 24 7.31 -5.17 9.49
CA SER B 24 7.82 -5.71 8.22
C SER B 24 7.01 -6.93 7.78
N MET B 25 6.60 -7.74 8.74
CA MET B 25 5.75 -8.89 8.46
C MET B 25 4.37 -8.45 7.97
N LYS B 26 3.82 -7.41 8.61
CA LYS B 26 2.58 -6.78 8.15
C LYS B 26 2.68 -6.42 6.67
N LYS B 27 3.76 -5.72 6.33
CA LYS B 27 3.96 -5.26 4.96
C LYS B 27 4.22 -6.43 4.03
N ALA B 28 4.91 -7.45 4.51
CA ALA B 28 5.18 -8.65 3.71
C ALA B 28 3.88 -9.38 3.36
N LEU B 29 3.00 -9.50 4.33
CA LEU B 29 1.73 -10.16 4.15
C LEU B 29 0.82 -9.37 3.21
N GLU B 30 0.90 -8.05 3.28
CA GLU B 30 0.13 -7.21 2.37
C GLU B 30 0.63 -7.35 0.94
N ILE B 31 1.94 -7.59 0.79
CA ILE B 31 2.50 -7.82 -0.54
C ILE B 31 2.03 -9.17 -1.09
N ILE B 32 2.11 -10.20 -0.27
CA ILE B 32 1.69 -11.54 -0.69
C ILE B 32 0.20 -11.64 -1.05
N TYR B 33 -0.65 -10.98 -0.27
CA TYR B 33 -2.09 -11.18 -0.40
C TYR B 33 -2.83 -10.05 -1.13
N SER B 34 -2.18 -8.89 -1.24
CA SER B 34 -2.79 -7.70 -1.85
C SER B 34 -4.05 -7.30 -1.09
N LYS B 35 -4.02 -7.54 0.22
CA LYS B 35 -5.12 -7.20 1.10
C LYS B 35 -4.51 -6.70 2.40
N PRO B 36 -5.24 -5.88 3.16
CA PRO B 36 -4.66 -5.24 4.35
C PRO B 36 -4.37 -6.19 5.52
N CYS B 37 -3.35 -5.85 6.30
CA CYS B 37 -3.00 -6.58 7.51
C CYS B 37 -3.04 -5.62 8.69
N TYR B 38 -3.66 -6.06 9.78
CA TYR B 38 -3.81 -5.22 10.96
C TYR B 38 -2.47 -5.14 11.71
N HIS B 39 -2.28 -4.07 12.46
CA HIS B 39 -1.04 -3.83 13.17
C HIS B 39 -1.26 -2.67 14.12
N MET B 40 -0.43 -2.58 15.15
CA MET B 40 -0.53 -1.50 16.11
C MET B 40 -0.56 -0.16 15.39
N TYR B 41 0.18 -0.07 14.29
CA TYR B 41 0.26 1.17 13.51
C TYR B 41 -1.06 1.53 12.82
N GLU B 42 -1.91 0.53 12.55
CA GLU B 42 -3.25 0.80 12.05
C GLU B 42 -4.00 1.65 13.06
N ILE B 43 -3.87 1.27 14.33
CA ILE B 43 -4.52 1.99 15.41
C ILE B 43 -4.01 3.42 15.52
N ILE B 44 -2.69 3.57 15.54
CA ILE B 44 -2.06 4.87 15.74
C ILE B 44 -2.32 5.84 14.58
N PHE B 45 -2.11 5.40 13.36
CA PHE B 45 -2.14 6.33 12.23
C PHE B 45 -3.44 6.31 11.41
N LYS B 46 -4.39 5.44 11.75
CA LYS B 46 -5.62 5.33 10.97
C LYS B 46 -6.90 5.23 11.80
N LYS B 47 -6.86 4.42 12.86
CA LYS B 47 -8.07 4.13 13.63
C LYS B 47 -7.83 4.19 15.14
N GLN B 48 -7.68 5.39 15.68
CA GLN B 48 -7.46 5.53 17.12
C GLN B 48 -8.71 5.19 17.92
N SER B 49 -9.86 5.16 17.24
CA SER B 49 -11.12 4.77 17.85
C SER B 49 -11.11 3.29 18.26
N ASP B 50 -10.16 2.52 17.73
CA ASP B 50 -10.02 1.11 18.09
C ASP B 50 -9.41 0.91 19.48
N ILE B 51 -8.75 1.95 20.00
CA ILE B 51 -8.08 1.86 21.30
C ILE B 51 -9.06 1.42 22.38
N SER B 52 -10.19 2.10 22.46
CA SER B 52 -11.17 1.82 23.50
C SER B 52 -11.78 0.43 23.33
N ILE B 53 -11.86 -0.04 22.09
CA ILE B 53 -12.44 -1.36 21.83
C ILE B 53 -11.52 -2.47 22.32
N TRP B 54 -10.24 -2.38 21.97
CA TRP B 54 -9.23 -3.30 22.48
C TRP B 54 -9.21 -3.31 24.00
N GLN B 55 -9.22 -2.11 24.58
CA GLN B 55 -9.21 -1.95 26.03
C GLN B 55 -10.35 -2.75 26.65
N GLN B 56 -11.54 -2.62 26.06
CA GLN B 56 -12.71 -3.34 26.54
C GLN B 56 -12.53 -4.84 26.45
N LEU B 57 -11.86 -5.31 25.40
CA LEU B 57 -11.63 -6.74 25.22
C LEU B 57 -10.61 -7.27 26.22
N ILE B 58 -9.57 -6.48 26.46
CA ILE B 58 -8.57 -6.84 27.47
C ILE B 58 -9.23 -6.82 28.84
N ASP B 59 -10.06 -5.80 29.08
CA ASP B 59 -10.79 -5.68 30.34
C ASP B 59 -11.65 -6.91 30.59
N GLU B 60 -12.19 -7.46 29.51
CA GLU B 60 -13.06 -8.62 29.60
C GLU B 60 -12.33 -9.88 30.08
N THR B 61 -11.05 -9.98 29.75
CA THR B 61 -10.26 -11.15 30.12
C THR B 61 -9.97 -11.22 31.62
N HIS B 62 -10.06 -10.07 32.30
CA HIS B 62 -9.74 -9.99 33.72
C HIS B 62 -10.93 -10.35 34.60
N LYS B 63 -12.11 -10.47 34.02
CA LYS B 63 -13.29 -10.79 34.80
C LYS B 63 -13.24 -12.23 35.27
N THR B 64 -13.84 -12.50 36.44
CA THR B 64 -13.89 -13.84 37.01
C THR B 64 -14.54 -14.84 36.06
N THR B 65 -15.59 -14.38 35.38
CA THR B 65 -16.27 -15.17 34.36
C THR B 65 -16.27 -14.38 33.04
N SER B 66 -15.27 -14.63 32.20
CA SER B 66 -15.12 -13.87 30.96
C SER B 66 -16.02 -14.38 29.84
N ASP B 67 -16.65 -13.46 29.13
CA ASP B 67 -17.49 -13.78 27.99
C ASP B 67 -16.65 -13.89 26.72
N LYS B 68 -16.27 -15.12 26.37
CA LYS B 68 -15.37 -15.30 25.24
C LYS B 68 -16.04 -14.98 23.91
N ARG B 69 -17.36 -15.06 23.87
CA ARG B 69 -18.06 -14.70 22.64
C ARG B 69 -18.14 -13.19 22.51
N LYS B 70 -18.13 -12.49 23.63
CA LYS B 70 -17.99 -11.03 23.61
C LYS B 70 -16.65 -10.70 22.97
N ILE B 71 -15.63 -11.46 23.37
CA ILE B 71 -14.29 -11.28 22.82
C ILE B 71 -14.21 -11.70 21.35
N TYR B 72 -14.74 -12.88 21.02
CA TYR B 72 -14.70 -13.36 19.63
C TYR B 72 -15.36 -12.36 18.70
N ASN B 73 -16.50 -11.81 19.11
CA ASN B 73 -17.22 -10.89 18.25
C ASN B 73 -16.52 -9.54 18.14
N GLY B 74 -15.89 -9.10 19.23
CA GLY B 74 -15.12 -7.88 19.23
C GLY B 74 -13.93 -7.97 18.28
N LEU B 75 -13.22 -9.09 18.35
CA LEU B 75 -12.08 -9.33 17.47
C LEU B 75 -12.54 -9.40 16.02
N ASN B 76 -13.64 -10.10 15.77
CA ASN B 76 -14.18 -10.24 14.43
C ASN B 76 -14.51 -8.88 13.82
N GLU B 77 -15.16 -8.03 14.63
CA GLU B 77 -15.45 -6.66 14.27
C GLU B 77 -14.19 -5.85 13.97
N LEU B 78 -13.21 -5.92 14.86
CA LEU B 78 -11.96 -5.17 14.70
C LEU B 78 -11.18 -5.56 13.44
N LEU B 79 -11.25 -6.84 13.09
CA LEU B 79 -10.40 -7.36 12.04
C LEU B 79 -11.14 -7.50 10.72
N ASN B 80 -12.39 -7.05 10.69
CA ASN B 80 -13.17 -7.05 9.45
C ASN B 80 -12.44 -6.35 8.32
N GLY B 81 -12.28 -7.04 7.19
CA GLY B 81 -11.60 -6.46 6.04
C GLY B 81 -10.11 -6.70 6.01
N TYR B 82 -9.56 -7.33 7.04
CA TYR B 82 -8.13 -7.63 7.09
C TYR B 82 -7.83 -9.10 6.81
N ILE B 83 -6.67 -9.36 6.22
CA ILE B 83 -6.26 -10.70 5.81
C ILE B 83 -5.36 -11.35 6.86
N ALA B 84 -4.87 -10.52 7.78
CA ALA B 84 -3.90 -10.95 8.76
C ALA B 84 -3.78 -9.88 9.85
N THR B 85 -3.10 -10.22 10.93
CA THR B 85 -2.84 -9.25 11.97
C THR B 85 -1.53 -9.58 12.65
N THR B 86 -0.84 -8.54 13.09
CA THR B 86 0.46 -8.67 13.77
C THR B 86 0.61 -7.61 14.86
N ASP B 87 1.64 -7.78 15.69
CA ASP B 87 1.98 -6.89 16.80
C ASP B 87 0.93 -6.89 17.91
N LEU B 88 1.23 -6.17 18.99
CA LEU B 88 0.22 -5.86 20.00
C LEU B 88 -0.82 -4.93 19.39
N PRO B 89 -2.07 -4.97 19.89
CA PRO B 89 -2.58 -5.84 20.95
C PRO B 89 -3.06 -7.21 20.45
N SER B 90 -3.13 -7.38 19.14
CA SER B 90 -3.78 -8.57 18.59
C SER B 90 -3.01 -9.86 18.87
N CYS B 91 -1.69 -9.76 19.02
CA CYS B 91 -0.87 -10.95 19.20
C CYS B 91 -1.20 -11.64 20.52
N SER B 92 -1.57 -10.85 21.52
CA SER B 92 -1.89 -11.41 22.83
C SER B 92 -3.16 -12.25 22.77
N PHE B 93 -3.98 -12.02 21.73
CA PHE B 93 -5.20 -12.80 21.52
C PHE B 93 -5.02 -13.94 20.52
N TYR B 94 -3.78 -14.38 20.32
CA TYR B 94 -3.53 -15.39 19.30
C TYR B 94 -4.28 -16.70 19.58
N LYS B 95 -4.52 -17.01 20.85
CA LYS B 95 -5.28 -18.21 21.17
C LYS B 95 -6.75 -18.09 20.72
N GLU B 96 -7.36 -16.95 21.01
CA GLU B 96 -8.74 -16.72 20.62
C GLU B 96 -8.86 -16.70 19.09
N LEU B 97 -7.89 -16.07 18.45
CA LEU B 97 -7.88 -15.94 17.00
C LEU B 97 -7.74 -17.29 16.30
N MET B 98 -6.97 -18.20 16.90
CA MET B 98 -6.79 -19.54 16.36
C MET B 98 -8.12 -20.29 16.35
N THR B 99 -8.92 -20.09 17.39
CA THR B 99 -10.23 -20.69 17.51
C THR B 99 -11.22 -20.09 16.52
N MET B 100 -11.23 -18.77 16.40
CA MET B 100 -12.14 -18.09 15.49
C MET B 100 -11.87 -18.46 14.04
N TYR B 101 -10.59 -18.62 13.71
CA TYR B 101 -10.15 -18.90 12.36
C TYR B 101 -9.31 -20.16 12.33
N PRO B 102 -9.98 -21.33 12.36
CA PRO B 102 -9.33 -22.65 12.44
C PRO B 102 -8.39 -22.97 11.29
N ASN B 103 -8.56 -22.29 10.16
CA ASN B 103 -7.71 -22.52 9.00
C ASN B 103 -6.59 -21.50 8.85
N ALA B 104 -6.57 -20.50 9.73
CA ALA B 104 -5.51 -19.49 9.72
C ALA B 104 -4.21 -20.09 10.24
N LYS B 105 -3.10 -19.81 9.56
CA LYS B 105 -1.79 -20.22 10.09
C LYS B 105 -1.24 -19.17 11.05
N VAL B 106 -0.29 -19.59 11.88
CA VAL B 106 0.28 -18.73 12.90
C VAL B 106 1.74 -18.42 12.61
N LEU B 107 2.10 -17.14 12.72
CA LEU B 107 3.47 -16.68 12.56
C LEU B 107 4.03 -16.24 13.91
N LEU B 108 5.20 -16.75 14.26
CA LEU B 108 5.88 -16.30 15.46
C LEU B 108 7.18 -15.61 15.04
N THR B 109 7.14 -14.28 14.95
CA THR B 109 8.36 -13.54 14.71
C THR B 109 9.15 -13.48 16.01
N ILE B 110 10.47 -13.63 15.90
CA ILE B 110 11.30 -13.82 17.06
C ILE B 110 12.70 -13.27 16.78
N ARG B 111 13.42 -12.92 17.85
CA ARG B 111 14.78 -12.42 17.74
C ARG B 111 15.50 -12.66 19.06
N ASP B 112 16.80 -12.40 19.07
CA ASP B 112 17.60 -12.42 20.29
C ASP B 112 16.91 -11.62 21.39
N LYS B 113 16.81 -12.18 22.60
CA LYS B 113 16.05 -11.53 23.66
C LYS B 113 16.64 -10.21 24.14
N TYR B 114 17.97 -10.09 24.08
CA TYR B 114 18.61 -8.88 24.56
C TYR B 114 18.48 -7.76 23.54
N ASP B 115 18.55 -8.10 22.25
CA ASP B 115 18.27 -7.14 21.20
C ASP B 115 16.84 -6.65 21.34
N TRP B 116 15.93 -7.59 21.59
CA TRP B 116 14.51 -7.29 21.74
C TRP B 116 14.26 -6.30 22.87
N LEU B 117 14.87 -6.54 24.02
CA LEU B 117 14.66 -5.72 25.19
C LEU B 117 15.11 -4.28 24.97
N TYR B 118 16.30 -4.11 24.38
CA TYR B 118 16.81 -2.77 24.08
C TYR B 118 15.84 -2.02 23.15
N SER B 119 15.37 -2.72 22.12
CA SER B 119 14.45 -2.15 21.15
C SER B 119 13.13 -1.75 21.82
N LEU B 120 12.65 -2.62 22.69
CA LEU B 120 11.41 -2.36 23.42
C LEU B 120 11.54 -1.13 24.30
N ARG B 121 12.67 -1.02 24.99
CA ARG B 121 12.90 0.09 25.91
C ARG B 121 13.03 1.43 25.17
N LYS B 122 13.53 1.38 23.95
CA LYS B 122 13.78 2.60 23.20
C LYS B 122 12.52 3.14 22.54
N VAL B 123 11.54 2.26 22.29
CA VAL B 123 10.40 2.61 21.46
C VAL B 123 9.02 2.44 22.12
N VAL B 124 8.79 1.30 22.77
CA VAL B 124 7.45 0.91 23.20
C VAL B 124 7.24 1.02 24.68
N LEU B 125 8.20 0.54 25.46
CA LEU B 125 8.04 0.48 26.90
C LEU B 125 9.28 0.97 27.64
N PRO B 126 9.57 2.27 27.57
CA PRO B 126 10.68 2.79 28.37
C PRO B 126 10.38 2.64 29.86
N LYS B 127 11.42 2.50 30.66
CA LYS B 127 11.25 2.51 32.12
C LYS B 127 10.61 3.83 32.54
N SER B 128 9.80 3.77 33.60
CA SER B 128 9.00 4.91 34.01
C SER B 128 9.84 6.09 34.50
N THR B 129 11.12 5.85 34.74
CA THR B 129 12.04 6.85 35.25
C THR B 129 12.93 7.44 34.15
N ASP B 130 12.79 6.89 32.94
CA ASP B 130 13.65 7.27 31.82
C ASP B 130 13.19 8.61 31.24
N PRO B 131 14.12 9.59 31.18
CA PRO B 131 13.83 10.89 30.56
C PRO B 131 13.33 10.76 29.12
N TRP B 132 13.73 9.71 28.41
CA TRP B 132 13.33 9.55 27.01
C TRP B 132 11.84 9.26 26.91
N LYS B 133 11.27 8.72 27.98
CA LYS B 133 9.85 8.43 28.03
C LYS B 133 9.02 9.69 27.83
N LEU B 134 9.46 10.80 28.45
CA LEU B 134 8.76 12.07 28.28
C LEU B 134 8.85 12.57 26.84
N LYS B 135 10.00 12.36 26.20
CA LYS B 135 10.17 12.77 24.82
C LYS B 135 9.27 11.97 23.88
N ILE B 136 9.15 10.67 24.14
CA ILE B 136 8.25 9.83 23.35
C ILE B 136 6.82 10.32 23.48
N GLU B 137 6.43 10.70 24.69
CA GLU B 137 5.10 11.20 24.95
C GLU B 137 4.85 12.57 24.29
N GLU B 138 5.89 13.41 24.24
CA GLU B 138 5.75 14.72 23.61
C GLU B 138 5.54 14.56 22.11
N GLY B 139 6.19 13.58 21.51
CA GLY B 139 6.03 13.31 20.09
C GLY B 139 4.68 12.68 19.79
N ASP B 140 4.26 11.75 20.65
CA ASP B 140 2.96 11.10 20.45
C ASP B 140 1.80 12.08 20.57
N GLN B 141 2.01 13.17 21.31
CA GLN B 141 0.97 14.19 21.46
C GLN B 141 0.60 14.78 20.10
N VAL B 142 1.61 14.95 19.27
CA VAL B 142 1.43 15.48 17.92
C VAL B 142 0.54 14.54 17.11
N LEU B 143 0.61 13.25 17.42
CA LEU B 143 -0.22 12.25 16.77
C LEU B 143 -1.58 12.12 17.43
N GLY B 144 -1.77 12.76 18.57
CA GLY B 144 -3.02 12.68 19.30
C GLY B 144 -3.08 11.47 20.22
N ILE B 145 -1.92 10.83 20.41
CA ILE B 145 -1.79 9.67 21.28
C ILE B 145 -1.54 10.09 22.74
N ASP B 146 -2.29 9.51 23.67
CA ASP B 146 -2.12 9.82 25.09
C ASP B 146 -2.08 8.57 25.96
N SER B 147 -2.37 8.76 27.24
CA SER B 147 -2.30 7.69 28.23
C SER B 147 -3.27 6.53 27.96
N ASN B 148 -4.36 6.81 27.24
CA ASN B 148 -5.29 5.76 26.84
C ASN B 148 -4.61 4.71 25.97
N PHE B 149 -3.80 5.16 25.03
CA PHE B 149 -3.05 4.24 24.17
C PHE B 149 -1.99 3.46 24.96
N TYR B 150 -1.30 4.16 25.86
CA TYR B 150 -0.27 3.54 26.68
C TYR B 150 -0.86 2.48 27.60
N LYS B 151 -2.02 2.77 28.17
CA LYS B 151 -2.66 1.84 29.07
C LYS B 151 -3.09 0.57 28.33
N MET B 152 -3.55 0.74 27.10
CA MET B 152 -3.99 -0.38 26.29
C MET B 152 -2.81 -1.27 25.91
N THR B 153 -1.71 -0.64 25.53
CA THR B 153 -0.50 -1.35 25.17
C THR B 153 0.03 -2.15 26.35
N GLU B 154 0.14 -1.49 27.50
CA GLU B 154 0.62 -2.14 28.71
C GLU B 154 -0.26 -3.33 29.09
N ASP B 155 -1.56 -3.12 29.08
CA ASP B 155 -2.49 -4.18 29.49
C ASP B 155 -2.45 -5.38 28.53
N SER B 156 -2.25 -5.15 27.24
CA SER B 156 -2.21 -6.27 26.31
C SER B 156 -0.90 -7.04 26.46
N LEU B 157 0.18 -6.33 26.80
CA LEU B 157 1.45 -6.99 27.07
C LEU B 157 1.36 -7.89 28.31
N LYS B 158 0.75 -7.37 29.38
CA LYS B 158 0.56 -8.14 30.59
C LYS B 158 -0.34 -9.34 30.31
N PHE B 159 -1.34 -9.13 29.44
CA PHE B 159 -2.23 -10.21 29.02
C PHE B 159 -1.44 -11.29 28.29
N ALA B 160 -0.59 -10.87 27.36
CA ALA B 160 0.29 -11.81 26.65
C ALA B 160 1.17 -12.61 27.62
N PHE B 161 1.70 -11.91 28.63
CA PHE B 161 2.56 -12.53 29.63
C PHE B 161 1.75 -13.24 30.73
N GLN B 162 0.43 -13.17 30.62
CA GLN B 162 -0.49 -13.81 31.57
C GLN B 162 -0.20 -13.38 33.01
N LYS B 163 -0.09 -12.08 33.22
CA LYS B 163 0.16 -11.51 34.52
C LYS B 163 -0.88 -10.44 34.86
N ASN B 164 -1.11 -10.22 36.15
CA ASN B 164 -2.04 -9.20 36.58
C ASN B 164 -1.22 -8.02 37.08
N HIS B 165 -0.21 -8.31 37.87
CA HIS B 165 0.69 -7.31 38.39
C HIS B 165 2.09 -7.73 38.00
N ILE B 166 2.87 -6.78 37.50
CA ILE B 166 4.23 -7.06 37.09
C ILE B 166 5.04 -5.77 37.03
N ASN B 167 6.26 -5.80 37.53
CA ASN B 167 7.11 -4.62 37.49
C ASN B 167 7.69 -4.51 36.10
N LEU B 168 7.06 -3.71 35.26
CA LEU B 168 7.52 -3.58 33.88
C LEU B 168 8.87 -2.86 33.79
N ASP B 169 9.29 -2.26 34.90
CA ASP B 169 10.59 -1.57 34.93
C ASP B 169 11.74 -2.55 35.18
N ASP B 170 11.43 -3.83 35.38
CA ASP B 170 12.47 -4.80 35.71
C ASP B 170 12.85 -5.60 34.48
N ASP B 171 14.04 -5.33 33.96
CA ASP B 171 14.53 -6.00 32.77
C ASP B 171 14.58 -7.53 32.92
N GLU B 172 14.97 -8.00 34.10
CA GLU B 172 15.07 -9.44 34.33
C GLU B 172 13.72 -10.13 34.17
N ILE B 173 12.67 -9.46 34.64
N ILE B 173 12.66 -9.46 34.61
CA ILE B 173 11.31 -9.97 34.52
CA ILE B 173 11.32 -10.02 34.51
C ILE B 173 10.87 -10.03 33.05
C ILE B 173 10.81 -10.01 33.07
N LEU B 174 11.09 -8.93 32.35
CA LEU B 174 10.71 -8.84 30.94
C LEU B 174 11.40 -9.89 30.09
N LEU B 175 12.69 -10.12 30.35
CA LEU B 175 13.45 -11.10 29.57
C LEU B 175 12.89 -12.50 29.79
N GLU B 176 12.51 -12.82 31.02
CA GLU B 176 11.96 -14.13 31.29
C GLU B 176 10.53 -14.28 30.77
N CYS B 177 9.76 -13.20 30.79
CA CYS B 177 8.44 -13.24 30.20
C CYS B 177 8.52 -13.45 28.69
N TYR B 178 9.50 -12.80 28.06
CA TYR B 178 9.70 -12.91 26.61
C TYR B 178 9.95 -14.38 26.24
N ASP B 179 10.91 -14.99 26.93
CA ASP B 179 11.26 -16.38 26.66
C ASP B 179 10.09 -17.31 26.90
N GLU B 180 9.39 -17.09 28.01
CA GLU B 180 8.26 -17.94 28.37
C GLU B 180 7.16 -17.81 27.32
N TYR B 181 6.88 -16.58 26.90
CA TYR B 181 5.86 -16.35 25.88
C TYR B 181 6.17 -17.12 24.60
N ASN B 182 7.38 -16.96 24.09
CA ASN B 182 7.74 -17.61 22.84
C ASN B 182 7.76 -19.12 22.99
N ARG B 183 8.13 -19.60 24.18
CA ARG B 183 8.12 -21.02 24.47
C ARG B 183 6.69 -21.56 24.39
N LEU B 184 5.76 -20.83 24.98
CA LEU B 184 4.36 -21.26 25.05
C LEU B 184 3.69 -21.32 23.68
N VAL B 185 3.93 -20.30 22.86
CA VAL B 185 3.40 -20.31 21.51
C VAL B 185 3.81 -21.61 20.80
N GLN B 186 5.07 -21.97 20.90
CA GLN B 186 5.58 -23.15 20.22
C GLN B 186 4.99 -24.42 20.82
N GLU B 187 4.63 -24.37 22.11
CA GLU B 187 4.05 -25.54 22.75
C GLU B 187 2.61 -25.78 22.31
N ILE B 188 1.83 -24.72 22.17
CA ILE B 188 0.40 -24.92 21.94
C ILE B 188 -0.02 -24.84 20.48
N VAL B 189 0.81 -24.26 19.62
CA VAL B 189 0.50 -24.28 18.19
C VAL B 189 1.13 -25.50 17.53
N PRO B 190 0.30 -26.34 16.89
CA PRO B 190 0.80 -27.52 16.18
C PRO B 190 1.84 -27.12 15.14
N PRO B 191 2.96 -27.85 15.08
CA PRO B 191 4.10 -27.51 14.21
C PRO B 191 3.71 -27.14 12.78
N GLU B 192 2.81 -27.90 12.16
CA GLU B 192 2.43 -27.64 10.77
C GLU B 192 1.67 -26.33 10.61
N ARG B 193 1.19 -25.79 11.72
CA ARG B 193 0.40 -24.57 11.70
C ARG B 193 1.25 -23.34 12.05
N LEU B 194 2.48 -23.59 12.49
CA LEU B 194 3.35 -22.53 12.99
C LEU B 194 4.61 -22.35 12.17
N LEU B 195 4.90 -21.10 11.82
CA LEU B 195 6.20 -20.76 11.27
C LEU B 195 6.92 -19.83 12.22
N ILE B 196 8.07 -20.25 12.70
CA ILE B 196 8.91 -19.39 13.49
C ILE B 196 9.81 -18.62 12.52
N HIS B 197 9.62 -17.32 12.48
CA HIS B 197 10.34 -16.47 11.53
C HIS B 197 11.35 -15.63 12.29
N HIS B 198 12.63 -15.92 12.07
CA HIS B 198 13.70 -15.20 12.74
C HIS B 198 13.98 -13.91 11.99
N LEU B 199 14.32 -12.88 12.75
CA LEU B 199 14.66 -11.57 12.18
C LEU B 199 15.77 -11.76 11.14
N GLY B 200 15.46 -11.46 9.88
CA GLY B 200 16.41 -11.60 8.80
C GLY B 200 16.17 -12.79 7.88
N ASP B 201 15.16 -13.61 8.17
CA ASP B 201 14.87 -14.78 7.37
C ASP B 201 14.36 -14.44 5.95
N GLY B 202 13.68 -13.31 5.83
CA GLY B 202 13.21 -12.86 4.54
C GLY B 202 12.11 -13.70 3.92
N TRP B 203 12.00 -13.67 2.59
CA TRP B 203 10.86 -14.25 1.90
C TRP B 203 10.77 -15.77 1.93
N GLU B 204 11.91 -16.45 1.88
CA GLU B 204 11.94 -17.86 1.52
C GLU B 204 11.04 -18.76 2.36
N SER B 205 11.29 -18.81 3.67
CA SER B 205 10.51 -19.68 4.55
C SER B 205 9.04 -19.26 4.62
N LEU B 206 8.82 -17.96 4.58
CA LEU B 206 7.47 -17.42 4.69
C LEU B 206 6.59 -17.82 3.51
N CYS B 207 7.15 -17.74 2.30
CA CYS B 207 6.38 -18.01 1.10
C CYS B 207 6.08 -19.50 0.96
N GLN B 208 7.06 -20.33 1.28
CA GLN B 208 6.82 -21.77 1.31
C GLN B 208 5.71 -22.14 2.30
N PHE B 209 5.79 -21.57 3.49
CA PHE B 209 4.80 -21.78 4.55
C PHE B 209 3.39 -21.40 4.09
N LEU B 210 3.29 -20.34 3.28
CA LEU B 210 2.01 -19.83 2.84
C LEU B 210 1.63 -20.32 1.43
N ASN B 211 2.46 -21.19 0.86
CA ASN B 211 2.22 -21.78 -0.46
C ASN B 211 2.15 -20.76 -1.58
N VAL B 212 3.05 -19.78 -1.55
CA VAL B 212 3.17 -18.80 -2.63
C VAL B 212 4.61 -18.72 -3.13
N ASP B 213 4.78 -18.13 -4.31
CA ASP B 213 6.11 -17.87 -4.84
C ASP B 213 6.72 -16.65 -4.16
N ILE B 214 8.03 -16.52 -4.25
CA ILE B 214 8.71 -15.33 -3.75
C ILE B 214 8.42 -14.18 -4.71
N PRO B 215 7.93 -13.05 -4.16
CA PRO B 215 7.57 -11.88 -5.00
C PRO B 215 8.73 -11.38 -5.84
N ASN B 216 8.53 -11.38 -7.16
CA ASN B 216 9.57 -11.03 -8.11
C ASN B 216 10.03 -9.58 -7.96
N GLY B 217 11.30 -9.40 -7.63
CA GLY B 217 11.91 -8.07 -7.61
C GLY B 217 11.42 -7.15 -6.51
N ILE B 218 10.78 -7.72 -5.49
CA ILE B 218 10.37 -6.94 -4.34
C ILE B 218 11.16 -7.41 -3.14
N SER B 219 11.87 -6.49 -2.49
CA SER B 219 12.69 -6.86 -1.34
C SER B 219 11.81 -7.10 -0.12
N TYR B 220 12.32 -7.88 0.84
CA TYR B 220 11.59 -8.08 2.09
C TYR B 220 11.64 -6.78 2.88
N PRO B 221 10.48 -6.34 3.41
CA PRO B 221 10.38 -5.06 4.13
C PRO B 221 11.34 -4.99 5.30
N CYS B 222 11.88 -3.80 5.51
N CYS B 222 11.84 -3.79 5.60
CA CYS B 222 12.83 -3.57 6.60
CA CYS B 222 12.87 -3.63 6.63
C CYS B 222 12.67 -2.16 7.10
C CYS B 222 12.75 -2.34 7.47
N ALA B 223 11.53 -1.87 7.72
CA ALA B 223 11.34 -0.59 8.37
C ALA B 223 11.05 -0.80 9.86
N ASN B 224 10.79 0.33 10.53
CA ASN B 224 10.43 0.40 11.93
C ASN B 224 11.61 0.12 12.87
N SER B 225 12.82 0.46 12.42
CA SER B 225 14.01 0.34 13.27
C SER B 225 13.94 1.34 14.43
N HIS B 226 14.61 1.04 15.54
CA HIS B 226 14.55 1.97 16.66
C HIS B 226 15.25 3.29 16.29
N HIS B 227 16.25 3.22 15.43
CA HIS B 227 16.90 4.43 14.92
C HIS B 227 15.90 5.33 14.20
N GLN B 228 15.02 4.72 13.41
CA GLN B 228 14.01 5.49 12.68
C GLN B 228 12.93 6.02 13.62
N MET B 229 12.55 5.22 14.62
CA MET B 229 11.53 5.65 15.58
C MET B 229 12.03 6.81 16.43
N THR B 230 13.31 6.79 16.80
CA THR B 230 13.87 7.91 17.54
C THR B 230 13.84 9.17 16.68
N GLN B 231 14.19 9.04 15.41
CA GLN B 231 14.11 10.16 14.47
C GLN B 231 12.70 10.70 14.32
N LEU B 232 11.73 9.80 14.23
CA LEU B 232 10.33 10.20 14.13
C LEU B 232 9.91 11.04 15.32
N THR B 233 10.22 10.55 16.52
CA THR B 233 9.88 11.28 17.73
C THR B 233 10.49 12.68 17.72
N GLU B 234 11.77 12.76 17.39
CA GLU B 234 12.48 14.03 17.33
C GLU B 234 11.87 14.98 16.31
N GLN B 235 11.48 14.46 15.13
CA GLN B 235 10.95 15.30 14.08
C GLN B 235 9.51 15.75 14.37
N LEU B 236 8.77 14.92 15.11
CA LEU B 236 7.41 15.29 15.54
C LEU B 236 7.50 16.42 16.56
N ILE B 237 8.48 16.33 17.45
CA ILE B 237 8.72 17.40 18.40
C ILE B 237 9.11 18.70 17.69
N LYS B 238 10.08 18.58 16.78
CA LYS B 238 10.64 19.74 16.11
C LYS B 238 9.63 20.47 15.22
N HIS B 239 8.79 19.72 14.52
CA HIS B 239 7.94 20.32 13.49
C HIS B 239 6.45 20.31 13.83
N LYS B 240 6.09 19.56 14.86
CA LYS B 240 4.73 19.53 15.39
C LYS B 240 3.64 19.25 14.34
N SER B 241 3.97 18.40 13.38
CA SER B 241 3.02 18.00 12.33
C SER B 241 3.53 16.75 11.62
N LEU B 242 2.69 15.72 11.53
CA LEU B 242 3.10 14.50 10.85
C LEU B 242 3.14 14.74 9.34
N ASP B 243 2.16 15.47 8.83
CA ASP B 243 2.12 15.76 7.39
C ASP B 243 3.39 16.45 6.91
N ASP B 244 3.92 17.34 7.73
CA ASP B 244 5.08 18.14 7.37
C ASP B 244 6.37 17.32 7.30
N ILE B 245 6.39 16.18 7.98
CA ILE B 245 7.61 15.39 8.10
C ILE B 245 7.56 14.00 7.46
N ILE B 246 6.39 13.58 6.98
CA ILE B 246 6.20 12.18 6.60
C ILE B 246 7.07 11.78 5.38
N HIS B 247 7.48 12.75 4.58
CA HIS B 247 8.36 12.49 3.46
C HIS B 247 9.74 12.01 3.91
N MET B 248 10.04 12.18 5.19
CA MET B 248 11.32 11.73 5.74
C MET B 248 11.26 10.27 6.21
N PHE B 249 10.06 9.68 6.14
CA PHE B 249 9.88 8.32 6.64
C PHE B 249 9.03 7.45 5.71
N PRO B 250 9.53 7.21 4.48
CA PRO B 250 8.80 6.34 3.55
C PRO B 250 8.64 4.93 4.10
N GLY B 251 7.57 4.25 3.69
CA GLY B 251 7.38 2.85 4.01
C GLY B 251 7.30 2.51 5.48
N LEU B 252 6.62 3.34 6.26
CA LEU B 252 6.48 3.12 7.68
C LEU B 252 5.01 2.94 8.11
N ILE B 253 4.17 3.89 7.75
CA ILE B 253 2.78 3.87 8.22
C ILE B 253 1.84 3.30 7.17
P1 A3P C . 6.42 -3.86 -20.93
O1P A3P C . 4.96 -4.15 -21.23
O2P A3P C . 7.19 -3.69 -22.22
O3P A3P C . 7.00 -4.96 -20.06
P2 A3P C . 2.33 1.01 -17.37
O4P A3P C . 2.15 2.49 -17.67
O5P A3P C . 2.33 0.74 -15.89
O6P A3P C . 1.26 0.16 -18.00
O5' A3P C . 3.75 0.56 -17.92
C5' A3P C . 4.12 -0.82 -17.93
C4' A3P C . 5.43 -0.97 -18.64
O4' A3P C . 6.51 -0.33 -17.90
C3' A3P C . 5.84 -2.40 -18.83
O3' A3P C . 6.52 -2.49 -20.10
C2' A3P C . 6.73 -2.61 -17.67
O2' A3P C . 7.58 -3.75 -17.78
C1' A3P C . 7.50 -1.34 -17.64
N9 A3P C . 8.12 -1.06 -16.40
C8 A3P C . 7.49 -0.74 -15.26
N7 A3P C . 8.39 -0.51 -14.29
C5 A3P C . 9.64 -0.66 -14.83
C6 A3P C . 10.97 -0.56 -14.32
N6 A3P C . 11.20 -0.21 -12.98
N1 A3P C . 12.01 -0.79 -15.16
C2 A3P C . 11.81 -1.10 -16.43
N3 A3P C . 10.58 -1.23 -16.94
C4 A3P C . 9.47 -1.00 -16.19
C TRS D . -6.90 -5.15 -18.00
C1 TRS D . -8.10 -4.35 -18.51
C2 TRS D . -6.92 -5.16 -16.47
C3 TRS D . -5.60 -4.56 -18.52
N TRS D . -7.01 -6.54 -18.47
O1 TRS D . -8.12 -4.36 -19.93
O2 TRS D . -5.72 -5.70 -15.98
O3 TRS D . -5.41 -3.27 -17.97
P1 A3P E . 15.50 -2.61 16.06
O1P A3P E . 14.70 -1.67 16.96
O2P A3P E . 16.56 -3.30 16.87
O3P A3P E . 16.10 -1.79 14.92
P2 A3P E . 8.40 -4.20 15.06
O4P A3P E . 8.32 -3.03 16.04
O5P A3P E . 7.66 -5.41 15.56
O6P A3P E . 7.90 -3.81 13.70
O5' A3P E . 9.96 -4.57 14.93
C5' A3P E . 10.95 -3.55 14.69
C4' A3P E . 12.29 -4.23 14.77
O4' A3P E . 12.42 -5.27 13.76
C3' A3P E . 13.43 -3.29 14.57
O3' A3P E . 14.51 -3.71 15.43
C2' A3P E . 13.73 -3.50 13.14
O2' A3P E . 15.02 -3.05 12.78
C1' A3P E . 13.61 -4.98 13.01
N9 A3P E . 13.40 -5.38 11.67
C8 A3P E . 12.29 -5.20 10.94
N7 A3P E . 12.47 -5.73 9.72
C5 A3P E . 13.73 -6.25 9.65
C6 A3P E . 14.50 -6.94 8.66
N6 A3P E . 14.00 -7.20 7.36
N1 A3P E . 15.76 -7.32 8.97
C2 A3P E . 16.28 -7.09 10.16
N3 A3P E . 15.59 -6.46 11.12
C4 A3P E . 14.32 -6.03 10.91
C TRS F . 4.74 5.60 18.86
C1 TRS F . 3.68 5.44 19.94
C2 TRS F . 4.16 6.30 17.64
C3 TRS F . 5.29 4.24 18.45
N TRS F . 5.83 6.42 19.40
O1 TRS F . 4.29 5.40 21.21
O2 TRS F . 4.98 6.01 16.53
O3 TRS F . 5.09 3.30 19.48
#